data_2PU9
#
_entry.id   2PU9
#
_cell.length_a   61.322
_cell.length_b   66.788
_cell.length_c   69.698
_cell.angle_alpha   90.00
_cell.angle_beta   90.00
_cell.angle_gamma   90.00
#
_symmetry.space_group_name_H-M   'P 21 21 21'
#
loop_
_entity.id
_entity.type
_entity.pdbx_description
1 polymer 'Ferredoxin-thioredoxin reductase, catalytic chain'
2 polymer 'Ferredoxin-thioredoxin reductase, variable chain'
3 polymer 'Thioredoxin F-type, chloroplast'
4 non-polymer 'SULFATE ION'
5 non-polymer 'IRON/SULFUR CLUSTER'
6 water water
#
loop_
_entity_poly.entity_id
_entity_poly.type
_entity_poly.pdbx_seq_one_letter_code
_entity_poly.pdbx_strand_id
1 'polypeptide(L)'
;NKTLAAMKNFAEQYAKRTDTYFCSDLSVTAVVIEGLARHKEELGSPLCPCRHYEDKEAEVKNTFWNCPCVPMRERKECHC
MLFLTPDNDFAGDAQDIPMETLEEVKASMA
;
A
2 'polypeptide(L)' MNVGDRVRVTSSVVVYHHPEHKKTAFDLQGMEGEVAAVLTEWQGRPISANLPVLVKFEQRFKAHFRPDEVTLIE B
3 'polypeptide(L)'
;EAIVGKVTEVNKDTFWPIVKAAGDKPVVLDMFTQWCGPSKAMAPKYEKLAEEYLDVIFLKLDCNQENKTLAKELGIRVVP
TFKILKENSVVGEVTGAKYDKLLEAIQAARS
;
C
#
loop_
_chem_comp.id
_chem_comp.type
_chem_comp.name
_chem_comp.formula
SF4 non-polymer 'IRON/SULFUR CLUSTER' 'Fe4 S4'
SO4 non-polymer 'SULFATE ION' 'O4 S -2'
#
# COMPACT_ATOMS: atom_id res chain seq x y z
N ASN A 1 19.55 -16.34 2.08
CA ASN A 1 19.31 -15.82 3.46
C ASN A 1 18.20 -16.62 4.14
N LYS A 2 18.36 -16.86 5.44
CA LYS A 2 17.38 -17.62 6.21
C LYS A 2 16.03 -16.91 6.28
N THR A 3 16.04 -15.63 6.61
CA THR A 3 14.80 -14.86 6.71
C THR A 3 14.07 -14.84 5.37
N LEU A 4 14.81 -14.61 4.29
CA LEU A 4 14.20 -14.55 2.97
C LEU A 4 13.57 -15.88 2.58
N ALA A 5 14.25 -16.98 2.87
CA ALA A 5 13.73 -18.30 2.55
C ALA A 5 12.44 -18.56 3.31
N ALA A 6 12.44 -18.20 4.59
CA ALA A 6 11.26 -18.41 5.42
C ALA A 6 10.10 -17.56 4.90
N MET A 7 10.41 -16.34 4.45
CA MET A 7 9.39 -15.45 3.95
C MET A 7 8.82 -15.96 2.63
N LYS A 8 9.68 -16.49 1.77
CA LYS A 8 9.23 -17.03 0.49
C LYS A 8 8.34 -18.24 0.76
N ASN A 9 8.76 -19.12 1.65
CA ASN A 9 7.96 -20.30 1.96
C ASN A 9 6.63 -19.90 2.58
N PHE A 10 6.64 -18.87 3.41
CA PHE A 10 5.40 -18.39 4.03
C PHE A 10 4.44 -17.94 2.94
N ALA A 11 4.94 -17.15 2.00
CA ALA A 11 4.10 -16.64 0.92
C ALA A 11 3.50 -17.77 0.09
N GLU A 12 4.32 -18.76 -0.26
CA GLU A 12 3.82 -19.87 -1.06
C GLU A 12 2.75 -20.64 -0.31
N GLN A 13 2.97 -20.87 0.99
CA GLN A 13 2.01 -21.60 1.79
C GLN A 13 0.73 -20.82 2.04
N TYR A 14 0.86 -19.51 2.28
CA TYR A 14 -0.31 -18.68 2.55
C TYR A 14 -1.18 -18.55 1.29
N ALA A 15 -0.54 -18.49 0.13
CA ALA A 15 -1.27 -18.39 -1.12
C ALA A 15 -2.16 -19.63 -1.30
N LYS A 16 -1.56 -20.80 -1.12
CA LYS A 16 -2.31 -22.04 -1.27
C LYS A 16 -3.42 -22.12 -0.22
N ARG A 17 -3.13 -21.70 0.99
CA ARG A 17 -4.07 -21.71 2.10
C ARG A 17 -5.29 -20.84 1.87
N THR A 18 -5.08 -19.67 1.26
CA THR A 18 -6.17 -18.72 1.01
C THR A 18 -6.71 -18.75 -0.42
N ASP A 19 -6.28 -19.72 -1.22
CA ASP A 19 -6.73 -19.82 -2.60
C ASP A 19 -6.45 -18.53 -3.38
N THR A 20 -5.28 -17.94 -3.15
CA THR A 20 -4.90 -16.74 -3.87
C THR A 20 -3.68 -17.08 -4.73
N TYR A 21 -3.39 -16.24 -5.72
CA TYR A 21 -2.28 -16.52 -6.61
C TYR A 21 -1.26 -15.41 -6.78
N PHE A 22 -0.06 -15.79 -7.18
CA PHE A 22 1.01 -14.83 -7.41
C PHE A 22 0.79 -14.06 -8.70
N CYS A 23 1.34 -12.86 -8.75
CA CYS A 23 1.23 -11.99 -9.91
C CYS A 23 1.78 -12.70 -11.16
N SER A 24 1.15 -12.50 -12.32
CA SER A 24 1.62 -13.12 -13.55
C SER A 24 3.08 -12.73 -13.75
N ASP A 25 3.45 -11.55 -13.27
CA ASP A 25 4.82 -11.07 -13.35
C ASP A 25 5.44 -11.37 -12.00
N LEU A 26 6.24 -12.44 -11.93
CA LEU A 26 6.86 -12.83 -10.67
C LEU A 26 7.83 -11.81 -10.10
N SER A 27 8.21 -10.81 -10.88
CA SER A 27 9.12 -9.78 -10.37
C SER A 27 8.40 -8.99 -9.29
N VAL A 28 7.08 -8.86 -9.44
CA VAL A 28 6.26 -8.15 -8.47
C VAL A 28 6.25 -8.97 -7.18
N THR A 29 6.02 -10.26 -7.33
CA THR A 29 6.00 -11.18 -6.20
C THR A 29 7.33 -11.13 -5.45
N ALA A 30 8.43 -11.20 -6.21
CA ALA A 30 9.76 -11.19 -5.62
C ALA A 30 10.12 -9.97 -4.79
N VAL A 31 9.83 -8.77 -5.29
CA VAL A 31 10.18 -7.58 -4.53
C VAL A 31 9.41 -7.47 -3.23
N VAL A 32 8.15 -7.91 -3.23
CA VAL A 32 7.35 -7.84 -2.03
C VAL A 32 7.89 -8.79 -0.96
N ILE A 33 8.31 -9.98 -1.38
CA ILE A 33 8.85 -10.95 -0.44
C ILE A 33 10.12 -10.39 0.19
N GLU A 34 10.99 -9.77 -0.62
CA GLU A 34 12.22 -9.19 -0.10
C GLU A 34 11.89 -8.05 0.87
N GLY A 35 10.91 -7.24 0.51
CA GLY A 35 10.51 -6.15 1.37
C GLY A 35 10.01 -6.64 2.71
N LEU A 36 9.23 -7.72 2.68
CA LEU A 36 8.70 -8.31 3.91
C LEU A 36 9.88 -8.83 4.73
N ALA A 37 10.81 -9.52 4.06
CA ALA A 37 11.99 -10.06 4.74
C ALA A 37 12.81 -8.96 5.42
N ARG A 38 13.03 -7.85 4.71
CA ARG A 38 13.79 -6.74 5.27
C ARG A 38 13.15 -6.22 6.54
N HIS A 39 11.84 -6.06 6.53
CA HIS A 39 11.15 -5.55 7.71
C HIS A 39 11.23 -6.54 8.87
N LYS A 40 11.08 -7.82 8.55
CA LYS A 40 11.15 -8.85 9.59
C LYS A 40 12.54 -8.81 10.24
N GLU A 41 13.55 -8.61 9.41
CA GLU A 41 14.94 -8.56 9.87
C GLU A 41 15.24 -7.39 10.81
N GLU A 42 14.81 -6.20 10.39
CA GLU A 42 15.07 -4.99 11.17
C GLU A 42 14.07 -4.66 12.26
N LEU A 43 12.84 -5.11 12.11
CA LEU A 43 11.79 -4.80 13.09
C LEU A 43 11.26 -5.96 13.91
N GLY A 44 11.52 -7.19 13.47
CA GLY A 44 11.04 -8.34 14.20
C GLY A 44 9.71 -8.84 13.69
N SER A 45 9.05 -8.04 12.86
CA SER A 45 7.76 -8.41 12.29
C SER A 45 7.74 -7.98 10.84
N PRO A 46 7.09 -8.76 9.97
CA PRO A 46 7.04 -8.40 8.56
C PRO A 46 6.00 -7.34 8.20
N LEU A 47 6.28 -6.08 8.56
CA LEU A 47 5.37 -4.99 8.23
C LEU A 47 5.26 -4.91 6.71
N CYS A 48 4.06 -4.61 6.23
CA CYS A 48 3.83 -4.49 4.80
C CYS A 48 4.85 -3.54 4.16
N PRO A 49 5.47 -3.96 3.04
CA PRO A 49 6.45 -3.09 2.38
C PRO A 49 5.86 -2.06 1.42
N CYS A 50 4.53 -2.05 1.28
CA CYS A 50 3.87 -1.12 0.37
C CYS A 50 3.07 -0.06 1.12
N ARG A 51 3.48 0.19 2.35
CA ARG A 51 2.88 1.21 3.21
C ARG A 51 4.05 2.00 3.77
N HIS A 52 3.84 3.29 4.00
CA HIS A 52 4.88 4.11 4.60
C HIS A 52 4.41 4.36 6.03
N TYR A 53 5.33 4.31 6.98
CA TYR A 53 4.96 4.52 8.37
C TYR A 53 5.69 5.69 9.02
N GLU A 54 5.01 6.39 9.92
CA GLU A 54 5.61 7.51 10.62
C GLU A 54 6.32 6.96 11.86
N ASP A 55 5.83 5.84 12.37
CA ASP A 55 6.40 5.22 13.55
C ASP A 55 6.35 3.70 13.38
N LYS A 56 7.39 3.14 12.75
CA LYS A 56 7.45 1.71 12.51
C LYS A 56 7.26 0.87 13.76
N GLU A 57 7.96 1.22 14.84
CA GLU A 57 7.85 0.48 16.09
C GLU A 57 6.42 0.46 16.59
N ALA A 58 5.73 1.60 16.50
CA ALA A 58 4.34 1.68 16.94
C ALA A 58 3.49 0.77 16.06
N GLU A 59 3.77 0.76 14.77
CA GLU A 59 3.02 -0.08 13.83
C GLU A 59 3.19 -1.55 14.16
N VAL A 60 4.41 -1.96 14.48
CA VAL A 60 4.68 -3.35 14.84
C VAL A 60 3.87 -3.75 16.07
N LYS A 61 3.73 -2.83 17.02
CA LYS A 61 2.97 -3.10 18.24
C LYS A 61 1.46 -3.16 17.96
N ASN A 62 1.01 -2.29 17.06
CA ASN A 62 -0.41 -2.24 16.68
C ASN A 62 -0.80 -3.47 15.86
N THR A 63 0.15 -3.96 15.07
CA THR A 63 0.06 -5.16 14.21
C THR A 63 -0.86 -5.13 13.00
N PHE A 64 -1.62 -4.05 12.81
CA PHE A 64 -2.53 -3.98 11.67
C PHE A 64 -1.84 -4.32 10.35
N TRP A 65 -0.65 -3.76 10.14
CA TRP A 65 0.09 -3.98 8.91
C TRP A 65 1.11 -5.11 8.93
N ASN A 66 1.09 -5.93 9.97
CA ASN A 66 2.01 -7.06 10.01
C ASN A 66 1.44 -8.11 9.05
N CYS A 67 2.25 -8.54 8.09
CA CYS A 67 1.81 -9.52 7.10
C CYS A 67 1.57 -10.93 7.66
N PRO A 68 0.40 -11.53 7.35
CA PRO A 68 -0.68 -10.99 6.53
C PRO A 68 -1.47 -9.93 7.29
N CYS A 69 -1.60 -8.76 6.68
CA CYS A 69 -2.30 -7.63 7.29
C CYS A 69 -3.79 -7.83 7.48
N VAL A 70 -4.41 -6.91 8.22
CA VAL A 70 -5.84 -7.02 8.47
C VAL A 70 -6.66 -7.03 7.18
N PRO A 71 -6.36 -6.15 6.21
CA PRO A 71 -7.14 -6.16 4.97
C PRO A 71 -7.08 -7.52 4.28
N MET A 72 -5.92 -8.17 4.32
CA MET A 72 -5.77 -9.48 3.70
C MET A 72 -6.47 -10.55 4.52
N ARG A 73 -6.19 -10.60 5.81
CA ARG A 73 -6.80 -11.60 6.67
C ARG A 73 -8.32 -11.54 6.69
N GLU A 74 -8.87 -10.34 6.67
CA GLU A 74 -10.30 -10.20 6.71
C GLU A 74 -10.97 -10.15 5.35
N ARG A 75 -10.43 -9.35 4.43
CA ARG A 75 -11.07 -9.21 3.12
C ARG A 75 -10.33 -9.79 1.92
N LYS A 76 -9.21 -10.44 2.17
CA LYS A 76 -8.39 -11.02 1.10
C LYS A 76 -7.94 -9.95 0.13
N GLU A 77 -7.69 -8.76 0.66
CA GLU A 77 -7.22 -7.64 -0.16
C GLU A 77 -5.76 -7.41 0.17
N CYS A 78 -4.90 -7.68 -0.82
CA CYS A 78 -3.45 -7.50 -0.68
C CYS A 78 -2.98 -6.40 -1.62
N HIS A 79 -2.80 -5.20 -1.08
CA HIS A 79 -2.37 -4.06 -1.86
C HIS A 79 -1.00 -4.27 -2.52
N CYS A 80 -0.14 -5.06 -1.90
CA CYS A 80 1.19 -5.33 -2.44
C CYS A 80 1.17 -6.17 -3.70
N MET A 81 0.03 -6.75 -4.00
CA MET A 81 -0.12 -7.62 -5.17
C MET A 81 0.67 -8.91 -4.99
N LEU A 82 0.82 -9.34 -3.74
CA LEU A 82 1.52 -10.58 -3.43
C LEU A 82 0.51 -11.73 -3.50
N PHE A 83 -0.61 -11.57 -2.80
CA PHE A 83 -1.67 -12.58 -2.78
C PHE A 83 -2.86 -12.03 -3.57
N LEU A 84 -2.94 -12.38 -4.85
CA LEU A 84 -4.01 -11.90 -5.71
C LEU A 84 -5.17 -12.88 -5.82
N THR A 85 -6.39 -12.36 -5.77
CA THR A 85 -7.56 -13.21 -5.88
C THR A 85 -7.70 -13.64 -7.34
N PRO A 86 -8.22 -14.85 -7.58
CA PRO A 86 -8.41 -15.41 -8.93
C PRO A 86 -9.29 -14.56 -9.85
N ASP A 87 -9.50 -13.30 -9.48
CA ASP A 87 -10.33 -12.41 -10.28
C ASP A 87 -9.55 -11.16 -10.69
N ASN A 88 -8.35 -11.02 -10.15
CA ASN A 88 -7.51 -9.88 -10.45
C ASN A 88 -6.87 -10.05 -11.83
N ASP A 89 -6.90 -8.99 -12.62
CA ASP A 89 -6.34 -9.01 -13.98
C ASP A 89 -4.87 -9.41 -14.02
N PHE A 90 -4.12 -8.99 -13.00
CA PHE A 90 -2.69 -9.29 -12.94
C PHE A 90 -2.39 -10.63 -12.27
N ALA A 91 -3.43 -11.35 -11.86
CA ALA A 91 -3.26 -12.63 -11.20
C ALA A 91 -2.83 -13.75 -12.15
N GLY A 92 -1.78 -14.47 -11.77
CA GLY A 92 -1.29 -15.56 -12.58
C GLY A 92 -1.90 -16.88 -12.12
N ASP A 93 -1.26 -17.99 -12.46
CA ASP A 93 -1.76 -19.29 -12.07
C ASP A 93 -0.81 -20.05 -11.14
N ALA A 94 0.21 -19.35 -10.65
CA ALA A 94 1.19 -19.98 -9.76
C ALA A 94 1.06 -19.56 -8.30
N GLN A 95 1.48 -20.46 -7.42
CA GLN A 95 1.45 -20.22 -5.99
C GLN A 95 2.82 -20.63 -5.45
N ASP A 96 3.79 -20.62 -6.36
CA ASP A 96 5.17 -20.97 -6.04
C ASP A 96 6.09 -20.06 -6.84
N ILE A 97 7.25 -19.75 -6.27
CA ILE A 97 8.23 -18.92 -6.95
C ILE A 97 9.62 -19.46 -6.64
N PRO A 98 10.41 -19.74 -7.69
CA PRO A 98 11.77 -20.27 -7.53
C PRO A 98 12.67 -19.32 -6.76
N MET A 99 13.52 -19.86 -5.89
CA MET A 99 14.43 -19.03 -5.13
C MET A 99 15.33 -18.30 -6.13
N GLU A 100 15.60 -18.97 -7.24
CA GLU A 100 16.44 -18.41 -8.29
C GLU A 100 15.83 -17.12 -8.82
N THR A 101 14.51 -17.10 -8.95
CA THR A 101 13.81 -15.92 -9.45
C THR A 101 13.92 -14.78 -8.46
N LEU A 102 13.78 -15.08 -7.17
CA LEU A 102 13.91 -14.06 -6.15
C LEU A 102 15.30 -13.43 -6.25
N GLU A 103 16.32 -14.29 -6.39
CA GLU A 103 17.68 -13.82 -6.48
C GLU A 103 17.92 -12.95 -7.72
N GLU A 104 17.38 -13.37 -8.86
CA GLU A 104 17.56 -12.61 -10.09
C GLU A 104 16.89 -11.25 -9.98
N VAL A 105 15.68 -11.22 -9.42
CA VAL A 105 14.97 -9.96 -9.28
C VAL A 105 15.68 -9.01 -8.33
N LYS A 106 16.13 -9.52 -7.19
CA LYS A 106 16.85 -8.67 -6.24
C LYS A 106 18.11 -8.12 -6.90
N ALA A 107 18.81 -8.99 -7.62
CA ALA A 107 20.05 -8.57 -8.30
C ALA A 107 19.79 -7.46 -9.32
N SER A 108 18.65 -7.53 -10.00
CA SER A 108 18.34 -6.52 -11.02
C SER A 108 18.14 -5.14 -10.44
N MET A 109 17.94 -5.07 -9.12
CA MET A 109 17.73 -3.80 -8.44
C MET A 109 19.05 -3.11 -8.13
N ALA A 110 20.15 -3.83 -8.29
CA ALA A 110 21.46 -3.25 -8.01
C ALA A 110 22.12 -2.69 -9.27
N MET B 1 -16.39 8.56 15.70
CA MET B 1 -17.15 7.59 16.54
C MET B 1 -16.49 7.37 17.89
N ASN B 2 -17.21 6.71 18.79
CA ASN B 2 -16.71 6.45 20.13
C ASN B 2 -16.85 4.98 20.50
N VAL B 3 -15.93 4.49 21.31
CA VAL B 3 -15.98 3.10 21.75
C VAL B 3 -17.29 2.90 22.51
N GLY B 4 -18.01 1.84 22.15
CA GLY B 4 -19.28 1.58 22.81
C GLY B 4 -20.46 1.92 21.92
N ASP B 5 -20.22 2.70 20.88
CA ASP B 5 -21.30 3.06 19.96
C ASP B 5 -21.86 1.83 19.28
N ARG B 6 -23.16 1.83 19.06
CA ARG B 6 -23.81 0.72 18.38
C ARG B 6 -23.84 1.13 16.91
N VAL B 7 -23.42 0.24 16.03
CA VAL B 7 -23.38 0.55 14.61
C VAL B 7 -23.90 -0.59 13.75
N ARG B 8 -24.28 -0.24 12.52
CA ARG B 8 -24.77 -1.21 11.56
C ARG B 8 -23.88 -1.10 10.33
N VAL B 9 -23.51 -2.24 9.77
CA VAL B 9 -22.67 -2.25 8.57
C VAL B 9 -23.57 -1.85 7.41
N THR B 10 -23.32 -0.67 6.84
CA THR B 10 -24.15 -0.17 5.76
C THR B 10 -23.53 -0.18 4.36
N SER B 11 -22.37 -0.81 4.24
CA SER B 11 -21.70 -0.94 2.94
C SER B 11 -21.36 -2.41 2.79
N SER B 12 -21.17 -2.85 1.55
CA SER B 12 -20.83 -4.26 1.31
C SER B 12 -19.40 -4.50 1.81
N VAL B 13 -19.26 -5.42 2.76
CA VAL B 13 -17.96 -5.76 3.31
C VAL B 13 -17.88 -7.27 3.40
N VAL B 14 -17.19 -7.87 2.43
CA VAL B 14 -17.07 -9.32 2.36
C VAL B 14 -15.82 -9.79 3.09
N VAL B 15 -16.00 -10.63 4.11
CA VAL B 15 -14.88 -11.12 4.89
C VAL B 15 -14.75 -12.63 4.87
N TYR B 16 -13.57 -13.12 5.24
CA TYR B 16 -13.29 -14.54 5.24
C TYR B 16 -12.87 -15.12 6.58
N HIS B 17 -12.93 -14.33 7.63
CA HIS B 17 -12.51 -14.80 8.95
C HIS B 17 -13.63 -15.04 9.96
N HIS B 18 -14.88 -15.02 9.53
CA HIS B 18 -15.97 -15.25 10.47
C HIS B 18 -15.95 -16.72 10.86
N PRO B 19 -16.04 -17.01 12.17
CA PRO B 19 -16.01 -18.39 12.70
C PRO B 19 -17.06 -19.35 12.16
N GLU B 20 -18.20 -18.83 11.73
CA GLU B 20 -19.27 -19.68 11.21
C GLU B 20 -19.28 -19.68 9.69
N HIS B 21 -18.28 -19.01 9.09
CA HIS B 21 -18.14 -18.93 7.65
C HIS B 21 -16.64 -18.98 7.33
N LYS B 22 -15.91 -19.85 8.04
CA LYS B 22 -14.48 -19.98 7.86
C LYS B 22 -14.00 -20.13 6.43
N LYS B 23 -13.09 -19.25 6.04
CA LYS B 23 -12.48 -19.24 4.72
C LYS B 23 -13.49 -19.11 3.59
N THR B 24 -14.70 -18.66 3.92
CA THR B 24 -15.74 -18.49 2.91
C THR B 24 -16.23 -17.05 2.89
N ALA B 25 -16.49 -16.52 1.69
CA ALA B 25 -16.97 -15.15 1.55
C ALA B 25 -18.28 -14.94 2.30
N PHE B 26 -18.30 -13.94 3.15
CA PHE B 26 -19.47 -13.62 3.96
C PHE B 26 -19.61 -12.10 4.05
N ASP B 27 -20.72 -11.57 3.54
CA ASP B 27 -20.92 -10.12 3.58
C ASP B 27 -21.52 -9.71 4.93
N LEU B 28 -20.82 -8.83 5.63
CA LEU B 28 -21.27 -8.38 6.94
C LEU B 28 -22.34 -7.31 6.85
N GLN B 29 -22.59 -6.81 5.66
CA GLN B 29 -23.59 -5.77 5.48
C GLN B 29 -24.90 -6.16 6.14
N GLY B 30 -25.46 -5.24 6.92
CA GLY B 30 -26.71 -5.49 7.60
C GLY B 30 -26.55 -5.90 9.05
N MET B 31 -25.35 -6.35 9.41
CA MET B 31 -25.11 -6.77 10.78
C MET B 31 -24.91 -5.58 11.71
N GLU B 32 -25.25 -5.79 12.98
CA GLU B 32 -25.11 -4.74 13.99
C GLU B 32 -24.09 -5.15 15.03
N GLY B 33 -23.23 -4.21 15.41
CA GLY B 33 -22.23 -4.51 16.40
C GLY B 33 -21.94 -3.30 17.25
N GLU B 34 -20.88 -3.39 18.05
CA GLU B 34 -20.48 -2.30 18.93
C GLU B 34 -19.04 -1.92 18.64
N VAL B 35 -18.75 -0.62 18.56
CA VAL B 35 -17.39 -0.19 18.30
C VAL B 35 -16.52 -0.58 19.49
N ALA B 36 -15.45 -1.32 19.19
CA ALA B 36 -14.53 -1.81 20.22
C ALA B 36 -13.32 -0.90 20.35
N ALA B 37 -12.96 -0.26 19.25
CA ALA B 37 -11.83 0.64 19.24
C ALA B 37 -11.75 1.39 17.92
N VAL B 38 -11.10 2.55 17.95
CA VAL B 38 -10.89 3.34 16.75
C VAL B 38 -9.37 3.49 16.71
N LEU B 39 -8.75 2.83 15.75
CA LEU B 39 -7.30 2.87 15.63
C LEU B 39 -6.79 4.21 15.14
N THR B 40 -6.17 4.96 16.06
CA THR B 40 -5.63 6.26 15.72
C THR B 40 -4.18 6.35 16.18
N GLU B 41 -3.91 5.84 17.37
CA GLU B 41 -2.56 5.90 17.93
C GLU B 41 -2.27 4.69 18.81
N TRP B 42 -0.99 4.51 19.13
CA TRP B 42 -0.52 3.47 20.02
C TRP B 42 0.20 4.23 21.13
N GLN B 43 -0.43 4.30 22.30
CA GLN B 43 0.16 5.00 23.43
C GLN B 43 0.70 6.37 23.02
N GLY B 44 -0.17 7.16 22.40
CA GLY B 44 0.19 8.50 21.97
C GLY B 44 0.90 8.65 20.64
N ARG B 45 1.27 7.54 20.03
CA ARG B 45 1.99 7.56 18.75
C ARG B 45 1.05 7.24 17.60
N PRO B 46 0.86 8.19 16.68
CA PRO B 46 -0.03 7.94 15.54
C PRO B 46 0.33 6.72 14.69
N ILE B 47 -0.68 5.95 14.33
CA ILE B 47 -0.50 4.77 13.49
C ILE B 47 -1.37 4.95 12.25
N SER B 48 -1.18 4.08 11.26
CA SER B 48 -1.87 4.26 9.98
C SER B 48 -2.86 3.22 9.48
N ALA B 49 -3.46 2.45 10.38
CA ALA B 49 -4.45 1.45 9.96
C ALA B 49 -5.47 2.11 9.04
N ASN B 50 -5.76 1.50 7.89
CA ASN B 50 -6.72 2.09 6.95
C ASN B 50 -8.17 1.60 7.11
N LEU B 51 -8.39 0.70 8.06
CA LEU B 51 -9.72 0.20 8.41
C LEU B 51 -9.67 0.37 9.93
N PRO B 52 -9.66 1.61 10.40
CA PRO B 52 -9.57 1.98 11.82
C PRO B 52 -10.71 1.65 12.79
N VAL B 53 -11.92 1.47 12.30
CA VAL B 53 -13.03 1.19 13.20
C VAL B 53 -13.19 -0.30 13.46
N LEU B 54 -12.84 -0.74 14.67
CA LEU B 54 -12.95 -2.14 15.04
C LEU B 54 -14.31 -2.34 15.69
N VAL B 55 -15.12 -3.22 15.10
CA VAL B 55 -16.46 -3.49 15.58
C VAL B 55 -16.58 -4.92 16.08
N LYS B 56 -17.22 -5.08 17.24
CA LYS B 56 -17.41 -6.40 17.85
C LYS B 56 -18.85 -6.85 17.66
N PHE B 57 -19.02 -8.11 17.29
CA PHE B 57 -20.33 -8.69 17.08
C PHE B 57 -20.50 -9.87 18.05
N GLU B 58 -21.44 -10.77 17.76
CA GLU B 58 -21.64 -11.91 18.63
C GLU B 58 -20.45 -12.88 18.57
N GLN B 59 -20.33 -13.72 19.60
CA GLN B 59 -19.23 -14.68 19.67
C GLN B 59 -17.87 -14.02 19.68
N ARG B 60 -17.82 -12.76 20.08
CA ARG B 60 -16.57 -12.00 20.13
C ARG B 60 -15.98 -11.79 18.74
N PHE B 61 -16.76 -12.08 17.70
CA PHE B 61 -16.28 -11.89 16.34
C PHE B 61 -16.03 -10.40 16.14
N LYS B 62 -14.90 -10.07 15.51
CA LYS B 62 -14.57 -8.67 15.28
C LYS B 62 -14.07 -8.47 13.85
N ALA B 63 -14.38 -7.31 13.28
CA ALA B 63 -13.92 -6.96 11.95
C ALA B 63 -13.61 -5.47 11.90
N HIS B 64 -12.73 -5.09 10.98
CA HIS B 64 -12.31 -3.70 10.83
C HIS B 64 -13.05 -3.01 9.68
N PHE B 65 -13.35 -1.73 9.87
CA PHE B 65 -14.08 -0.94 8.87
C PHE B 65 -13.60 0.49 8.72
N ARG B 66 -13.94 1.07 7.56
CA ARG B 66 -13.66 2.47 7.29
C ARG B 66 -14.86 3.17 7.93
N PRO B 67 -14.69 4.42 8.38
CA PRO B 67 -15.83 5.11 9.00
C PRO B 67 -17.07 5.14 8.11
N ASP B 68 -16.86 5.25 6.79
CA ASP B 68 -17.98 5.33 5.85
C ASP B 68 -18.69 4.02 5.53
N GLU B 69 -18.24 2.91 6.12
CA GLU B 69 -18.86 1.62 5.86
C GLU B 69 -19.85 1.25 6.96
N VAL B 70 -19.85 2.04 8.03
CA VAL B 70 -20.75 1.78 9.15
C VAL B 70 -21.57 3.03 9.48
N THR B 71 -22.70 2.83 10.15
CA THR B 71 -23.57 3.94 10.51
C THR B 71 -24.06 3.78 11.94
N LEU B 72 -23.96 4.86 12.71
CA LEU B 72 -24.37 4.87 14.11
C LEU B 72 -25.87 4.57 14.25
N ILE B 73 -26.23 3.85 15.32
CA ILE B 73 -27.61 3.51 15.59
C ILE B 73 -28.03 4.06 16.95
N GLU B 74 -28.73 5.19 16.93
CA GLU B 74 -29.20 5.85 18.15
C GLU B 74 -28.36 5.53 19.38
N GLU C 1 16.96 20.76 -11.72
CA GLU C 1 17.77 19.81 -12.54
C GLU C 1 16.88 18.75 -13.20
N ALA C 2 15.64 19.11 -13.46
CA ALA C 2 14.70 18.19 -14.09
C ALA C 2 14.92 18.14 -15.59
N ILE C 3 14.70 16.98 -16.19
CA ILE C 3 14.87 16.80 -17.62
C ILE C 3 13.54 16.47 -18.27
N VAL C 4 13.12 17.32 -19.20
CA VAL C 4 11.87 17.13 -19.92
C VAL C 4 11.93 15.89 -20.81
N GLY C 5 10.90 15.07 -20.74
CA GLY C 5 10.87 13.88 -21.57
C GLY C 5 11.29 12.60 -20.87
N LYS C 6 11.69 12.70 -19.60
CA LYS C 6 12.09 11.54 -18.83
C LYS C 6 11.79 11.75 -17.36
N VAL C 7 11.99 10.70 -16.56
CA VAL C 7 11.75 10.80 -15.13
C VAL C 7 13.08 11.08 -14.44
N THR C 8 13.07 12.05 -13.52
CA THR C 8 14.27 12.41 -12.80
C THR C 8 14.12 12.05 -11.32
N GLU C 9 15.04 11.25 -10.81
CA GLU C 9 14.97 10.87 -9.41
C GLU C 9 15.56 11.98 -8.55
N VAL C 10 14.85 12.34 -7.49
CA VAL C 10 15.29 13.39 -6.58
C VAL C 10 15.49 12.85 -5.18
N ASN C 11 16.07 13.69 -4.32
CA ASN C 11 16.31 13.32 -2.93
C ASN C 11 15.81 14.44 -2.02
N LYS C 12 16.06 14.30 -0.72
CA LYS C 12 15.62 15.28 0.26
C LYS C 12 16.21 16.67 0.04
N ASP C 13 17.25 16.77 -0.79
CA ASP C 13 17.89 18.07 -1.04
C ASP C 13 17.63 18.67 -2.41
N THR C 14 17.31 17.84 -3.40
CA THR C 14 17.09 18.34 -4.76
C THR C 14 15.64 18.54 -5.18
N PHE C 15 14.71 18.00 -4.40
CA PHE C 15 13.29 18.10 -4.74
C PHE C 15 12.74 19.53 -4.82
N TRP C 16 12.65 20.19 -3.67
CA TRP C 16 12.10 21.54 -3.60
C TRP C 16 12.70 22.53 -4.60
N PRO C 17 14.04 22.55 -4.74
CA PRO C 17 14.65 23.48 -5.70
C PRO C 17 14.06 23.33 -7.10
N ILE C 18 13.77 22.10 -7.49
CA ILE C 18 13.19 21.84 -8.82
C ILE C 18 11.74 22.33 -8.87
N VAL C 19 11.02 22.15 -7.77
CA VAL C 19 9.63 22.57 -7.69
C VAL C 19 9.52 24.10 -7.70
N LYS C 20 10.49 24.75 -7.06
CA LYS C 20 10.51 26.20 -6.98
C LYS C 20 11.15 26.80 -8.22
N ALA C 21 10.98 26.13 -9.35
CA ALA C 21 11.55 26.59 -10.62
C ALA C 21 10.81 25.98 -11.80
N ALA C 22 9.78 25.21 -11.52
CA ALA C 22 8.99 24.57 -12.57
C ALA C 22 8.15 25.59 -13.33
N GLY C 23 7.98 26.76 -12.74
CA GLY C 23 7.20 27.81 -13.37
C GLY C 23 5.75 27.42 -13.61
N ASP C 24 5.32 27.46 -14.87
CA ASP C 24 3.95 27.14 -15.23
C ASP C 24 3.75 25.64 -15.44
N LYS C 25 4.83 24.87 -15.35
CA LYS C 25 4.77 23.42 -15.54
C LYS C 25 4.41 22.65 -14.28
N PRO C 26 3.38 21.79 -14.34
CA PRO C 26 2.96 20.99 -13.18
C PRO C 26 4.03 19.95 -12.89
N VAL C 27 4.28 19.69 -11.61
CA VAL C 27 5.28 18.71 -11.21
C VAL C 27 4.62 17.48 -10.62
N VAL C 28 5.00 16.30 -11.13
CA VAL C 28 4.45 15.06 -10.63
C VAL C 28 5.57 14.32 -9.91
N LEU C 29 5.31 13.86 -8.69
CA LEU C 29 6.31 13.13 -7.92
C LEU C 29 5.82 11.73 -7.58
N ASP C 30 6.56 10.73 -8.04
CA ASP C 30 6.23 9.34 -7.78
C ASP C 30 6.97 8.97 -6.50
N MET C 31 6.24 8.89 -5.39
CA MET C 31 6.81 8.52 -4.10
C MET C 31 6.73 7.01 -4.00
N PHE C 32 7.88 6.35 -4.04
CA PHE C 32 7.91 4.89 -4.02
C PHE C 32 8.96 4.34 -3.06
N THR C 33 9.01 3.02 -3.01
CA THR C 33 10.01 2.28 -2.23
C THR C 33 10.42 1.17 -3.20
N GLN C 34 11.67 0.72 -3.10
CA GLN C 34 12.18 -0.31 -4.00
C GLN C 34 11.47 -1.65 -3.91
N TRP C 35 11.10 -2.06 -2.71
CA TRP C 35 10.48 -3.37 -2.54
C TRP C 35 8.96 -3.33 -2.41
N CYS C 36 8.32 -2.64 -3.35
CA CYS C 36 6.87 -2.50 -3.39
C CYS C 36 6.34 -2.98 -4.74
N GLY C 37 5.42 -3.95 -4.70
CA GLY C 37 4.85 -4.52 -5.90
C GLY C 37 4.14 -3.56 -6.84
N PRO C 38 3.08 -2.89 -6.39
CA PRO C 38 2.38 -1.95 -7.28
C PRO C 38 3.29 -0.87 -7.84
N SER C 39 4.29 -0.47 -7.05
CA SER C 39 5.23 0.56 -7.50
C SER C 39 6.06 0.05 -8.68
N LYS C 40 6.52 -1.20 -8.59
CA LYS C 40 7.32 -1.80 -9.64
C LYS C 40 6.47 -2.00 -10.90
N ALA C 41 5.22 -2.40 -10.70
CA ALA C 41 4.32 -2.62 -11.83
C ALA C 41 4.07 -1.32 -12.60
N MET C 42 3.98 -0.22 -11.88
CA MET C 42 3.72 1.10 -12.45
C MET C 42 4.91 1.74 -13.16
N ALA C 43 6.12 1.39 -12.75
CA ALA C 43 7.33 1.97 -13.33
C ALA C 43 7.31 2.19 -14.84
N PRO C 44 7.06 1.13 -15.64
CA PRO C 44 7.03 1.29 -17.09
C PRO C 44 6.06 2.36 -17.58
N LYS C 45 4.85 2.33 -17.05
CA LYS C 45 3.81 3.29 -17.43
C LYS C 45 4.20 4.72 -17.06
N TYR C 46 4.83 4.89 -15.90
CA TYR C 46 5.24 6.21 -15.47
C TYR C 46 6.30 6.76 -16.41
N GLU C 47 7.20 5.88 -16.86
CA GLU C 47 8.26 6.25 -17.79
C GLU C 47 7.66 6.79 -19.08
N LYS C 48 6.64 6.10 -19.58
CA LYS C 48 5.98 6.50 -20.82
C LYS C 48 5.23 7.82 -20.65
N LEU C 49 4.65 8.05 -19.48
CA LEU C 49 3.94 9.31 -19.24
C LEU C 49 4.88 10.49 -19.40
N ALA C 50 6.10 10.35 -18.88
CA ALA C 50 7.08 11.42 -18.98
C ALA C 50 7.40 11.74 -20.44
N GLU C 51 7.36 10.71 -21.28
CA GLU C 51 7.65 10.88 -22.70
C GLU C 51 6.48 11.49 -23.46
N GLU C 52 5.26 11.19 -23.02
CA GLU C 52 4.07 11.72 -23.67
C GLU C 52 3.71 13.15 -23.28
N TYR C 53 4.01 13.53 -22.05
CA TYR C 53 3.71 14.88 -21.57
C TYR C 53 4.96 15.68 -21.26
N LEU C 54 5.47 16.39 -22.26
CA LEU C 54 6.68 17.19 -22.12
C LEU C 54 6.43 18.51 -21.40
N ASP C 55 5.17 18.90 -21.27
CA ASP C 55 4.84 20.15 -20.60
C ASP C 55 4.66 19.90 -19.11
N VAL C 56 4.99 18.68 -18.68
CA VAL C 56 4.88 18.28 -17.28
C VAL C 56 6.20 17.70 -16.83
N ILE C 57 6.65 18.06 -15.63
CA ILE C 57 7.90 17.55 -15.09
C ILE C 57 7.61 16.32 -14.24
N PHE C 58 8.24 15.20 -14.56
CA PHE C 58 8.05 13.96 -13.82
C PHE C 58 9.26 13.62 -12.97
N LEU C 59 9.04 13.42 -11.67
CA LEU C 59 10.10 13.08 -10.74
C LEU C 59 9.72 11.84 -9.95
N LYS C 60 10.68 11.30 -9.19
CA LYS C 60 10.43 10.14 -8.35
C LYS C 60 11.32 10.25 -7.11
N LEU C 61 10.76 9.87 -5.96
CA LEU C 61 11.47 9.94 -4.68
C LEU C 61 11.45 8.59 -4.00
N ASP C 62 12.63 8.07 -3.67
CA ASP C 62 12.73 6.80 -2.97
C ASP C 62 12.50 7.09 -1.50
N CYS C 63 11.35 6.69 -0.97
CA CYS C 63 11.04 6.94 0.42
C CYS C 63 11.73 5.94 1.34
N ASN C 64 13.05 6.14 1.49
CA ASN C 64 13.87 5.29 2.32
C ASN C 64 14.34 6.05 3.56
N GLN C 65 15.31 5.48 4.26
CA GLN C 65 15.86 6.09 5.46
C GLN C 65 16.43 7.47 5.14
N GLU C 66 17.22 7.54 4.07
CA GLU C 66 17.84 8.78 3.64
C GLU C 66 16.86 9.94 3.45
N ASN C 67 15.80 9.70 2.69
CA ASN C 67 14.80 10.73 2.41
C ASN C 67 13.61 10.72 3.37
N LYS C 68 13.82 10.09 4.53
CA LYS C 68 12.80 9.97 5.57
C LYS C 68 12.12 11.30 5.93
N THR C 69 12.91 12.36 6.07
CA THR C 69 12.37 13.67 6.43
C THR C 69 11.45 14.27 5.36
N LEU C 70 11.84 14.12 4.10
CA LEU C 70 11.03 14.66 3.01
C LEU C 70 9.72 13.89 2.85
N ALA C 71 9.80 12.56 2.91
CA ALA C 71 8.62 11.72 2.77
C ALA C 71 7.62 12.09 3.87
N LYS C 72 8.13 12.26 5.08
CA LYS C 72 7.30 12.61 6.22
C LYS C 72 6.52 13.89 5.96
N GLU C 73 7.23 14.93 5.52
CA GLU C 73 6.61 16.21 5.24
C GLU C 73 5.64 16.21 4.06
N LEU C 74 6.01 15.53 2.98
CA LEU C 74 5.15 15.46 1.81
C LEU C 74 3.88 14.68 2.10
N GLY C 75 3.96 13.75 3.04
CA GLY C 75 2.81 12.95 3.41
C GLY C 75 2.56 11.77 2.50
N ILE C 76 2.85 10.57 2.98
CA ILE C 76 2.62 9.36 2.21
C ILE C 76 2.26 8.22 3.15
N ARG C 77 1.22 7.48 2.81
CA ARG C 77 0.78 6.34 3.61
C ARG C 77 0.81 5.12 2.70
N VAL C 78 0.17 5.26 1.55
CA VAL C 78 0.12 4.18 0.56
C VAL C 78 1.29 4.30 -0.39
N VAL C 79 1.94 3.17 -0.68
CA VAL C 79 3.05 3.17 -1.64
C VAL C 79 2.55 2.45 -2.88
N PRO C 80 2.67 3.08 -4.06
CA PRO C 80 3.22 4.41 -4.28
C PRO C 80 2.13 5.47 -4.13
N THR C 81 2.55 6.72 -4.07
CA THR C 81 1.64 7.85 -3.99
C THR C 81 2.22 8.90 -4.92
N PHE C 82 1.38 9.47 -5.78
CA PHE C 82 1.84 10.48 -6.70
C PHE C 82 1.36 11.85 -6.26
N LYS C 83 2.28 12.77 -6.05
CA LYS C 83 1.94 14.13 -5.66
C LYS C 83 2.02 15.01 -6.89
N ILE C 84 1.02 15.87 -7.06
CA ILE C 84 1.00 16.79 -8.18
C ILE C 84 1.15 18.18 -7.59
N LEU C 85 2.19 18.89 -8.00
CA LEU C 85 2.43 20.23 -7.49
C LEU C 85 2.49 21.30 -8.56
N LYS C 86 2.13 22.51 -8.16
CA LYS C 86 2.14 23.66 -9.04
C LYS C 86 2.10 24.89 -8.15
N GLU C 87 2.98 25.85 -8.42
CA GLU C 87 3.05 27.07 -7.64
C GLU C 87 3.68 26.77 -6.28
N ASN C 88 4.68 25.89 -6.28
CA ASN C 88 5.40 25.52 -5.07
C ASN C 88 4.52 24.82 -4.03
N SER C 89 3.36 24.34 -4.46
CA SER C 89 2.45 23.67 -3.53
C SER C 89 1.76 22.44 -4.12
N VAL C 90 1.40 21.50 -3.26
CA VAL C 90 0.71 20.28 -3.67
C VAL C 90 -0.73 20.62 -4.03
N VAL C 91 -1.12 20.32 -5.26
CA VAL C 91 -2.48 20.61 -5.73
C VAL C 91 -3.27 19.35 -6.07
N GLY C 92 -2.57 18.22 -6.20
CA GLY C 92 -3.25 16.99 -6.52
C GLY C 92 -2.53 15.79 -5.94
N GLU C 93 -3.22 14.67 -5.83
CA GLU C 93 -2.64 13.46 -5.28
C GLU C 93 -3.39 12.20 -5.68
N VAL C 94 -2.64 11.17 -6.06
CA VAL C 94 -3.23 9.89 -6.43
C VAL C 94 -2.49 8.84 -5.61
N THR C 95 -3.22 8.12 -4.76
CA THR C 95 -2.61 7.11 -3.93
C THR C 95 -2.79 5.73 -4.55
N GLY C 96 -1.72 4.95 -4.59
CA GLY C 96 -1.79 3.62 -5.15
C GLY C 96 -1.41 3.59 -6.63
N ALA C 97 -1.32 2.39 -7.18
CA ALA C 97 -0.97 2.21 -8.59
C ALA C 97 -2.20 2.38 -9.47
N LYS C 98 -2.76 3.58 -9.49
CA LYS C 98 -3.96 3.86 -10.28
C LYS C 98 -3.57 4.70 -11.50
N TYR C 99 -3.29 4.02 -12.61
CA TYR C 99 -2.90 4.72 -13.83
C TYR C 99 -3.95 5.70 -14.35
N ASP C 100 -5.17 5.22 -14.56
CA ASP C 100 -6.24 6.06 -15.04
C ASP C 100 -6.40 7.29 -14.16
N LYS C 101 -6.46 7.09 -12.85
CA LYS C 101 -6.60 8.20 -11.91
C LYS C 101 -5.42 9.16 -12.04
N LEU C 102 -4.22 8.62 -12.16
CA LEU C 102 -3.04 9.46 -12.30
C LEU C 102 -3.14 10.26 -13.59
N LEU C 103 -3.62 9.61 -14.65
CA LEU C 103 -3.76 10.29 -15.93
C LEU C 103 -4.74 11.45 -15.78
N GLU C 104 -5.91 11.17 -15.19
CA GLU C 104 -6.92 12.20 -15.00
C GLU C 104 -6.39 13.35 -14.16
N ALA C 105 -5.57 13.03 -13.15
CA ALA C 105 -5.01 14.06 -12.28
C ALA C 105 -4.01 14.91 -13.06
N ILE C 106 -3.25 14.27 -13.96
CA ILE C 106 -2.28 14.99 -14.76
C ILE C 106 -3.01 15.89 -15.75
N GLN C 107 -4.07 15.34 -16.35
CA GLN C 107 -4.87 16.08 -17.32
C GLN C 107 -5.60 17.23 -16.63
N ALA C 108 -5.91 17.03 -15.36
CA ALA C 108 -6.59 18.06 -14.58
C ALA C 108 -5.58 19.17 -14.29
N ALA C 109 -4.35 18.78 -13.98
CA ALA C 109 -3.29 19.73 -13.67
C ALA C 109 -2.88 20.52 -14.91
N ARG C 110 -2.88 19.86 -16.06
CA ARG C 110 -2.50 20.53 -17.30
C ARG C 110 -3.53 21.58 -17.68
N SER C 111 -4.81 21.24 -17.52
CA SER C 111 -5.89 22.16 -17.84
C SER C 111 -6.34 22.92 -16.59
S SO4 D . 10.88 1.25 4.81
O1 SO4 D . 10.69 0.80 3.42
O2 SO4 D . 11.62 0.22 5.57
O3 SO4 D . 11.65 2.52 4.82
O4 SO4 D . 9.55 1.47 5.44
S SO4 E . 19.34 -1.39 -1.03
O1 SO4 E . 17.90 -1.29 -1.31
O2 SO4 E . 19.82 -2.73 -1.37
O3 SO4 E . 20.07 -0.39 -1.85
O4 SO4 E . 19.58 -1.11 0.40
S SO4 F . 19.50 -8.01 0.98
O1 SO4 F . 18.89 -7.35 -0.19
O2 SO4 F . 20.21 -9.23 0.54
O3 SO4 F . 20.47 -7.09 1.60
O4 SO4 F . 18.46 -8.38 1.95
S SO4 G . 13.04 -23.31 -4.49
O1 SO4 G . 12.31 -22.05 -4.51
O2 SO4 G . 13.05 -23.89 -5.85
O3 SO4 G . 14.44 -23.08 -4.06
O4 SO4 G . 12.40 -24.25 -3.56
FE1 SF4 H . -0.20 -8.13 1.14
FE2 SF4 H . 1.28 -6.17 2.28
FE3 SF4 H . 1.21 -8.85 3.32
FE4 SF4 H . -0.92 -7.16 3.48
S1 SF4 H . 1.11 -6.87 4.50
S2 SF4 H . -0.98 -9.38 2.90
S3 SF4 H . -0.87 -5.97 1.51
S4 SF4 H . 2.08 -8.14 1.32
S SO4 I . -5.42 4.65 3.00
O1 SO4 I . -6.78 4.73 3.57
O2 SO4 I . -5.28 5.67 1.93
O3 SO4 I . -4.43 4.92 4.05
O4 SO4 I . -5.21 3.31 2.42
S SO4 J . -5.34 1.16 -13.72
O1 SO4 J . -4.01 1.16 -13.06
O2 SO4 J . -5.74 2.56 -13.97
O3 SO4 J . -5.26 0.43 -15.00
O4 SO4 J . -6.33 0.52 -12.83
#